data_4GA2
#
_entry.id   4GA2
#
_cell.length_a   58.788
_cell.length_b   83.166
_cell.length_c   29.559
_cell.angle_alpha   90.00
_cell.angle_beta   90.00
_cell.angle_gamma   90.00
#
_symmetry.space_group_name_H-M   'P 21 21 2'
#
loop_
_entity.id
_entity.type
_entity.pdbx_description
1 polymer 'E3 SUMO-PROTEIN LIGASE RANBP2'
2 water water
#
_entity_poly.entity_id   1
_entity_poly.type   'polypeptide(L)'
_entity_poly.pdbx_seq_one_letter_code
;GPLGSMRRSKADVERYIASVQGSTPSPRQKSIKGFYFAKLYYEAKEYDLAKKYICTYINVQERDPKAHRFLGLLYELEEN
TDKAVECYRRSVELNPTQKDLVLKIAELLCKNDVTDGRAKYWVERAAKLFPGSPAVYKLKEQLLDCEGED
;
_entity_poly.pdbx_strand_id   A
#
# COMPACT_ATOMS: atom_id res chain seq x y z
N ARG A 7 15.89 3.78 16.47
CA ARG A 7 15.00 4.28 17.53
C ARG A 7 14.52 5.69 17.24
N ARG A 8 13.40 5.81 16.54
CA ARG A 8 12.81 7.13 16.27
C ARG A 8 11.55 7.31 17.11
N SER A 9 11.45 8.44 17.79
CA SER A 9 10.28 8.69 18.65
C SER A 9 9.26 9.56 17.95
N LYS A 10 8.07 9.61 18.51
CA LYS A 10 7.06 10.54 18.04
C LYS A 10 7.62 11.95 18.04
N ALA A 11 8.31 12.31 19.12
CA ALA A 11 8.89 13.64 19.25
C ALA A 11 9.86 13.96 18.11
N ASP A 12 10.66 12.99 17.72
CA ASP A 12 11.58 13.17 16.61
C ASP A 12 10.82 13.53 15.31
N VAL A 13 9.71 12.84 15.05
CA VAL A 13 8.98 13.13 13.82
C VAL A 13 8.31 14.49 13.90
N GLU A 14 7.76 14.82 15.05
CA GLU A 14 7.14 16.13 15.24
C GLU A 14 8.12 17.27 15.00
N ARG A 15 9.39 17.10 15.36
CA ARG A 15 10.39 18.14 15.16
C ARG A 15 10.59 18.41 13.65
N TYR A 16 10.59 17.35 12.86
CA TYR A 16 10.71 17.50 11.42
C TYR A 16 9.48 18.18 10.81
N ILE A 17 8.29 17.74 11.22
CA ILE A 17 7.08 18.37 10.76
C ILE A 17 7.11 19.88 11.08
N ALA A 18 7.58 20.24 12.27
CA ALA A 18 7.66 21.65 12.65
C ALA A 18 8.65 22.40 11.75
N SER A 19 9.76 21.75 11.40
N SER A 19 9.75 21.75 11.38
CA SER A 19 10.72 22.35 10.49
CA SER A 19 10.70 22.40 10.49
C SER A 19 10.07 22.68 9.14
C SER A 19 10.05 22.68 9.13
N VAL A 20 9.29 21.74 8.61
CA VAL A 20 8.62 21.96 7.34
C VAL A 20 7.63 23.12 7.47
N GLN A 21 6.86 23.13 8.55
CA GLN A 21 5.88 24.19 8.80
C GLN A 21 6.54 25.57 8.87
N GLY A 22 7.77 25.63 9.34
CA GLY A 22 8.46 26.91 9.48
C GLY A 22 9.05 27.43 8.19
N SER A 23 9.31 26.54 7.23
N SER A 23 9.32 26.55 7.22
CA SER A 23 10.05 26.90 6.02
CA SER A 23 10.02 26.95 6.00
C SER A 23 9.23 26.85 4.72
C SER A 23 9.22 26.87 4.71
N THR A 24 8.28 25.93 4.64
CA THR A 24 7.43 25.77 3.47
C THR A 24 6.02 25.56 4.01
N PRO A 25 5.34 26.64 4.35
CA PRO A 25 4.13 26.53 5.17
C PRO A 25 2.80 26.40 4.41
N SER A 26 2.77 26.40 3.08
CA SER A 26 1.49 26.36 2.38
C SER A 26 0.86 24.98 2.52
N PRO A 27 -0.45 24.89 2.27
CA PRO A 27 -1.10 23.58 2.41
C PRO A 27 -0.46 22.54 1.49
N ARG A 28 -0.26 22.86 0.21
CA ARG A 28 0.36 21.88 -0.67
C ARG A 28 1.80 21.58 -0.28
N GLN A 29 2.54 22.58 0.17
CA GLN A 29 3.92 22.36 0.57
C GLN A 29 4.02 21.39 1.73
N LYS A 30 3.08 21.45 2.65
CA LYS A 30 3.08 20.52 3.75
C LYS A 30 2.65 19.13 3.26
N SER A 31 1.62 19.09 2.43
CA SER A 31 1.16 17.83 1.88
C SER A 31 2.23 17.14 1.05
N ILE A 32 3.01 17.87 0.26
CA ILE A 32 3.99 17.24 -0.61
C ILE A 32 5.15 16.59 0.18
N LYS A 33 5.27 16.90 1.48
CA LYS A 33 6.21 16.21 2.38
C LYS A 33 5.60 15.02 3.11
N GLY A 34 4.37 14.70 2.76
CA GLY A 34 3.68 13.70 3.52
C GLY A 34 4.20 12.29 3.35
N PHE A 35 4.85 11.94 2.25
CA PHE A 35 5.45 10.62 2.16
C PHE A 35 6.63 10.50 3.14
N TYR A 36 7.41 11.58 3.27
CA TYR A 36 8.50 11.57 4.23
C TYR A 36 7.92 11.40 5.63
N PHE A 37 6.91 12.20 5.94
CA PHE A 37 6.32 12.09 7.27
C PHE A 37 5.81 10.68 7.54
N ALA A 38 5.17 10.08 6.56
CA ALA A 38 4.62 8.73 6.74
C ALA A 38 5.73 7.71 7.00
N LYS A 39 6.82 7.78 6.24
N LYS A 39 6.79 7.75 6.21
N LYS A 39 6.81 7.77 6.24
CA LYS A 39 7.93 6.85 6.41
CA LYS A 39 7.88 6.81 6.44
CA LYS A 39 7.90 6.83 6.45
C LYS A 39 8.64 7.02 7.76
C LYS A 39 8.53 7.00 7.82
C LYS A 39 8.52 6.99 7.83
N LEU A 40 8.64 8.24 8.30
CA LEU A 40 9.24 8.49 9.61
C LEU A 40 8.33 8.02 10.72
N TYR A 41 7.03 8.26 10.60
CA TYR A 41 6.11 7.72 11.58
C TYR A 41 6.13 6.18 11.55
N TYR A 42 6.29 5.57 10.38
CA TYR A 42 6.41 4.11 10.29
C TYR A 42 7.66 3.63 11.04
N GLU A 43 8.80 4.32 10.86
CA GLU A 43 10.02 4.04 11.60
C GLU A 43 9.77 4.09 13.12
N ALA A 44 8.84 4.99 13.49
N ALA A 44 9.07 5.10 13.61
CA ALA A 44 8.44 5.28 14.87
CA ALA A 44 8.89 5.19 15.05
C ALA A 44 7.19 4.53 15.39
C ALA A 44 8.02 4.02 15.56
N LYS A 45 6.65 3.63 14.56
N LYS A 45 7.61 3.14 14.66
CA LYS A 45 5.54 2.75 14.95
CA LYS A 45 6.66 2.06 14.96
C LYS A 45 4.22 3.47 15.18
C LYS A 45 5.32 2.64 15.40
N GLU A 46 4.03 4.59 14.48
N GLU A 46 5.00 3.81 14.88
CA GLU A 46 2.81 5.36 14.57
CA GLU A 46 3.72 4.45 15.17
C GLU A 46 2.08 5.12 13.26
C GLU A 46 2.88 4.17 13.95
N TYR A 47 1.42 3.98 13.16
N TYR A 47 2.31 2.96 13.90
CA TYR A 47 0.88 3.54 11.87
CA TYR A 47 1.72 2.49 12.67
C TYR A 47 -0.32 4.37 11.46
C TYR A 47 0.42 3.18 12.39
N ASP A 48 -1.15 4.76 12.42
N ASP A 48 -0.34 3.51 13.43
CA ASP A 48 -2.30 5.57 12.07
CA ASP A 48 -1.55 4.27 13.21
C ASP A 48 -1.83 6.93 11.53
C ASP A 48 -1.25 5.69 12.71
N LEU A 49 -0.84 7.53 12.19
N LEU A 49 -0.14 6.29 13.16
CA LEU A 49 -0.29 8.79 11.69
CA LEU A 49 0.24 7.59 12.66
C LEU A 49 0.41 8.59 10.33
C LEU A 49 0.86 7.51 11.26
N ALA A 50 1.10 7.46 10.12
N ALA A 50 1.59 6.43 10.96
CA ALA A 50 1.68 7.20 8.81
CA ALA A 50 2.08 6.23 9.62
C ALA A 50 0.60 7.16 7.73
C ALA A 50 0.92 6.22 8.62
N LYS A 51 -0.53 6.50 8.01
N LYS A 51 -0.16 5.53 8.97
CA LYS A 51 -1.62 6.46 7.05
CA LYS A 51 -1.32 5.47 8.09
C LYS A 51 -2.17 7.87 6.79
C LYS A 51 -1.95 6.85 7.95
N LYS A 52 -2.33 8.65 7.86
N LYS A 52 -2.15 7.54 9.07
CA LYS A 52 -2.85 10.01 7.74
CA LYS A 52 -2.75 8.88 9.02
C LYS A 52 -1.97 10.82 6.79
C LYS A 52 -2.00 9.74 8.01
N TYR A 53 -0.66 10.75 7.01
N TYR A 53 -0.68 9.78 8.12
CA TYR A 53 0.24 11.59 6.24
CA TYR A 53 0.11 10.67 7.28
C TYR A 53 0.45 11.08 4.81
C TYR A 53 0.27 10.23 5.82
N ILE A 54 0.48 9.77 4.58
N ILE A 54 0.37 8.94 5.51
CA ILE A 54 0.58 9.33 3.18
CA ILE A 54 0.44 8.57 4.10
C ILE A 54 -0.69 9.75 2.43
C ILE A 54 -0.87 8.97 3.42
N CYS A 55 -1.84 9.78 3.10
N CYS A 55 -1.98 8.93 4.15
CA CYS A 55 -3.05 10.24 2.44
CA CYS A 55 -3.26 9.33 3.59
C CYS A 55 -2.95 11.72 2.02
C CYS A 55 -3.28 10.85 3.28
N THR A 56 -2.33 12.56 2.85
N THR A 56 -2.60 11.67 4.09
CA THR A 56 -2.17 13.98 2.47
CA THR A 56 -2.53 13.10 3.78
C THR A 56 -1.33 14.09 1.20
C THR A 56 -1.78 13.34 2.48
N TYR A 57 -0.34 13.21 1.08
N TYR A 57 -0.76 12.53 2.22
CA TYR A 57 0.55 13.21 -0.07
CA TYR A 57 0.04 12.68 1.02
C TYR A 57 -0.17 12.70 -1.32
C TYR A 57 -0.74 12.24 -0.22
N ILE A 58 -0.89 11.59 -1.20
N ILE A 58 -1.41 11.08 -0.14
CA ILE A 58 -1.66 11.06 -2.31
CA ILE A 58 -2.19 10.57 -1.26
C ILE A 58 -2.64 12.09 -2.85
C ILE A 58 -3.26 11.59 -1.70
N ASN A 59 -3.20 12.91 -1.97
N ASN A 59 -3.77 12.38 -0.75
CA ASN A 59 -4.12 13.94 -2.42
CA ASN A 59 -4.74 13.42 -1.09
C ASN A 59 -3.49 14.94 -3.39
C ASN A 59 -4.23 14.37 -2.17
N VAL A 60 -2.20 15.23 -3.25
N VAL A 60 -2.95 14.75 -2.08
CA VAL A 60 -1.52 16.21 -4.09
CA VAL A 60 -2.37 15.75 -2.98
C VAL A 60 -0.58 15.59 -5.14
C VAL A 60 -1.48 15.16 -4.06
N GLN A 61 -0.36 14.27 -5.05
N GLN A 61 -1.19 13.86 -3.96
CA GLN A 61 0.46 13.53 -6.00
CA GLN A 61 -0.42 13.16 -4.98
C GLN A 61 -0.23 12.21 -6.28
C GLN A 61 -1.06 11.80 -5.22
N GLU A 62 -1.42 12.31 -6.85
N GLU A 62 -2.31 11.82 -5.66
CA GLU A 62 -2.29 11.14 -6.97
CA GLU A 62 -3.12 10.62 -5.83
C GLU A 62 -1.75 10.06 -7.89
C GLU A 62 -2.54 9.62 -6.82
N ARG A 63 -0.81 10.40 -8.78
N ARG A 63 -1.73 10.10 -7.76
CA ARG A 63 -0.30 9.42 -9.72
CA ARG A 63 -1.23 9.22 -8.82
C ARG A 63 1.01 8.79 -9.26
C ARG A 63 0.16 8.66 -8.51
N ASP A 64 1.43 9.01 -8.02
N ASP A 64 0.63 8.83 -7.28
CA ASP A 64 2.67 8.41 -7.54
CA ASP A 64 1.93 8.29 -6.86
C ASP A 64 2.43 6.94 -7.13
C ASP A 64 1.78 6.81 -6.51
N PRO A 65 2.91 5.97 -7.93
N PRO A 65 2.24 5.91 -7.39
CA PRO A 65 2.61 4.58 -7.58
CA PRO A 65 2.06 4.49 -7.09
C PRO A 65 3.22 4.13 -6.27
C PRO A 65 2.82 4.04 -5.84
N LYS A 66 4.36 4.71 -5.85
N LYS A 66 3.97 4.67 -5.58
CA LYS A 66 4.96 4.28 -4.58
CA LYS A 66 4.84 4.26 -4.48
C LYS A 66 4.11 4.61 -3.33
C LYS A 66 4.07 4.59 -3.26
N ALA A 67 3.39 5.72 -3.34
CA ALA A 67 2.59 6.12 -2.20
C ALA A 67 1.42 5.17 -2.01
N HIS A 68 0.79 4.92 -3.16
N HIS A 68 0.67 4.76 -3.02
CA HIS A 68 -0.28 3.96 -3.17
CA HIS A 68 -0.40 3.71 -2.81
C HIS A 68 0.18 2.61 -2.55
C HIS A 68 0.18 2.40 -2.38
N ARG A 69 1.34 2.06 -2.92
CA ARG A 69 1.91 0.80 -2.46
C ARG A 69 2.26 0.81 -0.98
N PHE A 70 2.80 1.95 -0.50
CA PHE A 70 3.15 2.06 0.92
C PHE A 70 1.92 2.01 1.80
N LEU A 71 0.85 2.70 1.40
CA LEU A 71 -0.40 2.61 2.13
C LEU A 71 -0.90 1.15 2.13
N GLY A 72 -0.76 0.46 1.00
CA GLY A 72 -1.12 -0.95 0.94
C GLY A 72 -0.33 -1.81 1.91
N LEU A 73 0.96 -1.55 2.04
N LEU A 73 0.96 -1.51 2.04
CA LEU A 73 1.79 -2.28 3.00
CA LEU A 73 1.83 -2.21 2.97
C LEU A 73 1.27 -2.04 4.43
C LEU A 73 1.35 -2.01 4.41
N LEU A 74 0.95 -0.79 4.74
CA LEU A 74 0.42 -0.46 6.09
C LEU A 74 -0.86 -1.27 6.34
N TYR A 75 -1.75 -1.35 5.35
CA TYR A 75 -2.97 -2.13 5.52
C TYR A 75 -2.68 -3.62 5.58
N GLU A 76 -1.73 -4.10 4.75
CA GLU A 76 -1.34 -5.51 4.75
C GLU A 76 -0.82 -5.93 6.15
N LEU A 77 -0.04 -5.06 6.77
CA LEU A 77 0.50 -5.35 8.08
CA LEU A 77 0.50 -5.31 8.11
C LEU A 77 -0.60 -5.44 9.15
N GLU A 78 -1.74 -4.83 8.89
CA GLU A 78 -2.90 -4.91 9.76
C GLU A 78 -3.86 -6.03 9.39
N GLU A 79 -3.48 -6.80 8.38
CA GLU A 79 -4.31 -7.87 7.88
C GLU A 79 -5.65 -7.32 7.38
N ASN A 80 -5.65 -6.10 6.84
CA ASN A 80 -6.82 -5.52 6.21
C ASN A 80 -6.76 -5.81 4.71
N THR A 81 -7.27 -6.98 4.35
CA THR A 81 -7.12 -7.49 3.00
C THR A 81 -7.74 -6.55 1.97
N ASP A 82 -8.97 -6.09 2.22
CA ASP A 82 -9.66 -5.33 1.18
C ASP A 82 -8.95 -4.02 0.89
N LYS A 83 -8.50 -3.33 1.93
CA LYS A 83 -7.84 -2.04 1.73
C LYS A 83 -6.46 -2.26 1.12
N ALA A 84 -5.75 -3.30 1.56
CA ALA A 84 -4.43 -3.58 0.97
C ALA A 84 -4.56 -3.86 -0.52
N VAL A 85 -5.53 -4.71 -0.87
CA VAL A 85 -5.76 -5.03 -2.29
C VAL A 85 -6.14 -3.80 -3.08
N GLU A 86 -6.99 -2.95 -2.53
CA GLU A 86 -7.40 -1.71 -3.20
CA GLU A 86 -7.37 -1.76 -3.24
C GLU A 86 -6.15 -0.87 -3.51
N CYS A 87 -5.28 -0.71 -2.52
CA CYS A 87 -4.09 0.12 -2.67
C CYS A 87 -3.12 -0.47 -3.68
N TYR A 88 -2.89 -1.79 -3.58
CA TYR A 88 -1.98 -2.45 -4.50
C TYR A 88 -2.53 -2.43 -5.92
N ARG A 89 -3.84 -2.61 -6.06
N ARG A 89 -3.85 -2.61 -6.07
CA ARG A 89 -4.45 -2.55 -7.39
CA ARG A 89 -4.48 -2.50 -7.39
C ARG A 89 -4.26 -1.13 -8.00
C ARG A 89 -4.16 -1.13 -7.99
N ARG A 90 -4.41 -0.08 -7.21
CA ARG A 90 -4.20 1.27 -7.74
C ARG A 90 -2.73 1.47 -8.12
N SER A 91 -1.81 0.98 -7.27
CA SER A 91 -0.40 1.10 -7.57
C SER A 91 -0.02 0.41 -8.89
N VAL A 92 -0.54 -0.82 -9.09
N VAL A 92 -0.54 -0.80 -9.08
CA VAL A 92 -0.30 -1.55 -10.33
CA VAL A 92 -0.19 -1.53 -10.28
C VAL A 92 -0.86 -0.81 -11.53
C VAL A 92 -0.90 -0.94 -11.53
N GLU A 93 -2.06 -0.28 -11.36
CA GLU A 93 -2.66 0.47 -12.47
CA GLU A 93 -2.68 0.48 -12.45
C GLU A 93 -1.79 1.64 -12.89
N LEU A 94 -1.22 2.35 -11.91
CA LEU A 94 -0.36 3.49 -12.19
C LEU A 94 1.02 3.10 -12.74
N ASN A 95 1.55 1.98 -12.28
CA ASN A 95 2.84 1.50 -12.75
C ASN A 95 2.77 -0.02 -12.91
N PRO A 96 2.33 -0.47 -14.09
CA PRO A 96 2.12 -1.90 -14.31
C PRO A 96 3.40 -2.72 -14.47
N THR A 97 4.56 -2.10 -14.38
CA THR A 97 5.79 -2.87 -14.36
C THR A 97 5.91 -3.63 -13.04
N GLN A 98 5.07 -3.32 -12.05
CA GLN A 98 5.13 -3.99 -10.76
C GLN A 98 4.40 -5.31 -10.81
N LYS A 99 4.97 -6.25 -11.54
CA LYS A 99 4.41 -7.60 -11.67
CA LYS A 99 4.32 -7.55 -11.65
C LYS A 99 4.29 -8.23 -10.28
N ASP A 100 5.23 -7.92 -9.40
CA ASP A 100 5.20 -8.48 -8.07
C ASP A 100 3.89 -8.21 -7.34
N LEU A 101 3.29 -7.03 -7.54
CA LEU A 101 2.04 -6.73 -6.85
C LEU A 101 0.87 -7.60 -7.33
N VAL A 102 0.93 -8.07 -8.56
CA VAL A 102 -0.12 -8.97 -9.05
C VAL A 102 -0.07 -10.30 -8.28
N LEU A 103 1.13 -10.84 -8.09
CA LEU A 103 1.29 -12.04 -7.26
C LEU A 103 0.89 -11.74 -5.82
N LYS A 104 1.31 -10.59 -5.29
CA LYS A 104 0.95 -10.24 -3.92
C LYS A 104 -0.55 -10.20 -3.72
N ILE A 105 -1.28 -9.56 -4.63
CA ILE A 105 -2.73 -9.50 -4.51
C ILE A 105 -3.32 -10.92 -4.52
N ALA A 106 -2.87 -11.76 -5.44
CA ALA A 106 -3.37 -13.14 -5.49
C ALA A 106 -3.12 -13.85 -4.16
N GLU A 107 -1.91 -13.69 -3.62
CA GLU A 107 -1.58 -14.33 -2.34
C GLU A 107 -2.46 -13.83 -1.19
N LEU A 108 -2.68 -12.52 -1.11
CA LEU A 108 -3.49 -11.97 -0.02
C LEU A 108 -4.93 -12.45 -0.07
N LEU A 109 -5.49 -12.49 -1.27
CA LEU A 109 -6.88 -12.90 -1.39
C LEU A 109 -7.06 -14.37 -1.05
N CYS A 110 -6.11 -15.20 -1.45
CA CYS A 110 -6.18 -16.63 -1.15
C CYS A 110 -5.99 -16.88 0.33
N LYS A 111 -5.11 -16.11 0.96
CA LYS A 111 -4.90 -16.30 2.39
CA LYS A 111 -4.89 -16.26 2.40
C LYS A 111 -6.15 -15.90 3.18
N ASN A 112 -6.82 -14.85 2.74
CA ASN A 112 -7.99 -14.33 3.46
C ASN A 112 -9.29 -15.13 3.30
N ASP A 113 -9.72 -15.34 2.05
CA ASP A 113 -11.03 -15.91 1.79
C ASP A 113 -11.20 -16.11 0.29
N VAL A 114 -11.45 -17.34 -0.10
CA VAL A 114 -11.60 -17.71 -1.49
C VAL A 114 -13.04 -18.04 -1.82
N THR A 115 -13.92 -17.06 -1.70
CA THR A 115 -15.33 -17.31 -1.89
C THR A 115 -16.05 -16.21 -2.66
N ASP A 116 -15.52 -14.99 -2.66
CA ASP A 116 -16.15 -13.93 -3.44
C ASP A 116 -15.66 -13.92 -4.90
N GLY A 117 -14.69 -14.77 -5.19
CA GLY A 117 -14.25 -15.02 -6.55
C GLY A 117 -13.07 -14.20 -7.03
N ARG A 118 -12.58 -13.25 -6.24
CA ARG A 118 -11.50 -12.41 -6.73
C ARG A 118 -10.19 -13.18 -6.81
N ALA A 119 -10.03 -14.15 -5.93
CA ALA A 119 -8.81 -14.93 -5.91
C ALA A 119 -8.54 -15.59 -7.27
N LYS A 120 -9.56 -16.18 -7.90
CA LYS A 120 -9.35 -16.84 -9.20
C LYS A 120 -8.86 -15.84 -10.26
N TYR A 121 -9.47 -14.68 -10.29
CA TYR A 121 -9.09 -13.64 -11.23
C TYR A 121 -7.59 -13.27 -11.11
N TRP A 122 -7.15 -13.04 -9.90
CA TRP A 122 -5.77 -12.60 -9.68
C TRP A 122 -4.74 -13.73 -9.84
N VAL A 123 -5.11 -14.96 -9.50
CA VAL A 123 -4.23 -16.08 -9.73
C VAL A 123 -3.99 -16.26 -11.24
N GLU A 124 -5.02 -16.09 -12.06
CA GLU A 124 -4.84 -16.21 -13.49
C GLU A 124 -3.95 -15.10 -14.03
N ARG A 125 -4.11 -13.88 -13.54
N ARG A 125 -4.14 -13.88 -13.53
CA ARG A 125 -3.23 -12.84 -14.02
CA ARG A 125 -3.29 -12.76 -13.91
C ARG A 125 -1.80 -13.09 -13.56
C ARG A 125 -1.84 -13.07 -13.54
N ALA A 126 -1.63 -13.57 -12.33
CA ALA A 126 -0.28 -13.86 -11.84
C ALA A 126 0.36 -15.02 -12.64
N ALA A 127 -0.44 -16.02 -13.02
CA ALA A 127 0.10 -17.15 -13.77
C ALA A 127 0.66 -16.66 -15.10
N LYS A 128 0.00 -15.67 -15.67
N LYS A 128 0.02 -15.69 -15.71
CA LYS A 128 0.40 -15.07 -16.93
CA LYS A 128 0.51 -15.15 -16.98
C LYS A 128 1.74 -14.32 -16.82
C LYS A 128 1.83 -14.38 -16.79
N LEU A 129 1.93 -13.63 -15.70
CA LEU A 129 3.15 -12.84 -15.46
C LEU A 129 4.32 -13.64 -14.92
N PHE A 130 4.04 -14.81 -14.32
CA PHE A 130 5.08 -15.63 -13.71
C PHE A 130 4.88 -17.09 -14.17
N PRO A 131 5.11 -17.35 -15.45
CA PRO A 131 4.92 -18.71 -15.95
C PRO A 131 5.78 -19.71 -15.19
N GLY A 132 5.16 -20.83 -14.84
CA GLY A 132 5.87 -21.90 -14.19
C GLY A 132 6.18 -21.63 -12.73
N SER A 133 5.66 -20.53 -12.17
CA SER A 133 5.99 -20.19 -10.78
C SER A 133 5.37 -21.14 -9.77
N PRO A 134 6.18 -21.75 -8.90
CA PRO A 134 5.58 -22.57 -7.84
C PRO A 134 4.72 -21.77 -6.85
N ALA A 135 4.98 -20.46 -6.72
CA ALA A 135 4.16 -19.64 -5.85
C ALA A 135 2.75 -19.56 -6.41
N VAL A 136 2.65 -19.46 -7.73
CA VAL A 136 1.33 -19.43 -8.36
C VAL A 136 0.68 -20.80 -8.32
N TYR A 137 1.46 -21.86 -8.56
CA TYR A 137 0.88 -23.20 -8.57
C TYR A 137 0.27 -23.55 -7.21
N LYS A 138 0.90 -23.12 -6.11
CA LYS A 138 0.35 -23.34 -4.77
C LYS A 138 -1.04 -22.73 -4.63
N LEU A 139 -1.20 -21.52 -5.14
CA LEU A 139 -2.50 -20.85 -5.11
C LEU A 139 -3.50 -21.58 -5.98
N LYS A 140 -3.09 -22.01 -7.17
CA LYS A 140 -4.01 -22.75 -8.06
C LYS A 140 -4.45 -24.06 -7.40
N GLU A 141 -3.54 -24.74 -6.71
CA GLU A 141 -3.90 -25.95 -5.97
C GLU A 141 -4.96 -25.64 -4.91
N GLN A 142 -4.80 -24.53 -4.18
CA GLN A 142 -5.76 -24.16 -3.15
CA GLN A 142 -5.76 -24.16 -3.15
C GLN A 142 -7.14 -23.90 -3.75
N LEU A 143 -7.16 -23.25 -4.92
CA LEU A 143 -8.41 -22.97 -5.61
C LEU A 143 -9.05 -24.28 -6.10
N LEU A 144 -8.25 -25.17 -6.67
CA LEU A 144 -8.78 -26.45 -7.12
C LEU A 144 -9.35 -27.22 -5.95
N ASP A 145 -8.72 -27.16 -4.78
CA ASP A 145 -9.18 -27.92 -3.63
C ASP A 145 -10.57 -27.46 -3.19
N CYS A 146 -10.92 -26.19 -3.39
CA CYS A 146 -12.20 -25.69 -2.89
C CYS A 146 -13.28 -25.61 -3.98
N GLU A 147 -12.99 -26.12 -5.18
CA GLU A 147 -13.99 -26.13 -6.25
C GLU A 147 -15.18 -27.00 -5.88
N GLY A 148 -16.38 -26.52 -6.18
CA GLY A 148 -17.55 -27.34 -6.05
C GLY A 148 -17.61 -28.43 -7.11
N GLU A 149 -18.43 -29.43 -6.85
CA GLU A 149 -18.61 -30.54 -7.78
C GLU A 149 -19.84 -30.29 -8.66
N ASP A 150 -19.75 -30.73 -9.91
CA ASP A 150 -20.88 -30.65 -10.82
C ASP A 150 -22.03 -31.52 -10.34
#